data_7GSB
#
_entry.id   7GSB
#
_cell.length_a   89.937
_cell.length_b   89.937
_cell.length_c   106.782
_cell.angle_alpha   90.000
_cell.angle_beta   90.000
_cell.angle_gamma   120.000
#
_symmetry.space_group_name_H-M   'P 31 2 1'
#
loop_
_entity.id
_entity.type
_entity.pdbx_description
1 polymer 'Tyrosine-protein phosphatase non-receptor type 1'
2 non-polymer 2-AMINO-2-HYDROXYMETHYL-PROPANE-1,3-DIOL
3 non-polymer 1-(4-benzylpiperidin-1-yl)-2-methylpropan-1-one
4 water water
#
_entity_poly.entity_id   1
_entity_poly.type   'polypeptide(L)'
_entity_poly.pdbx_seq_one_letter_code
;MEMEKEFEQIDKSGSWAAIYQDIRHEASDFPSRVAKLPKNKNRNRYRDVSPFDHSRIKLHQEDNDYINASLIKMEEAQRS
YILTQGPLPNTVGHFWEMVWEQKSRGVVMLNRVMEKGSLKCAQYWPQKEEKEMIFEDTNLKLTLISEDIKSYYTVRQLEL
ENLTTQETREILHFHYTTWPDFGVPESPASFLNFLFKVRESGSLSPEHGPVVVHCSAGIGRSGTFCLADTCLLLMDKRKD
PSSVDIKKVLLEMRKFRMGLIQTADQLRFSYLAVIEGAKFIMGDSSVQDQWKELSHEDLEPPPEHIPPPPRPPKRILEPH
N
;
_entity_poly.pdbx_strand_id   A
#
loop_
_chem_comp.id
_chem_comp.type
_chem_comp.name
_chem_comp.formula
A1AA7 non-polymer 1-(4-benzylpiperidin-1-yl)-2-methylpropan-1-one 'C16 H23 N O'
TRS non-polymer 2-AMINO-2-HYDROXYMETHYL-PROPANE-1,3-DIOL 'C4 H12 N O3 1'
#
# COMPACT_ATOMS: atom_id res chain seq x y z
N MET A 1 23.62 13.28 -2.90
CA MET A 1 24.03 13.74 -1.54
C MET A 1 23.49 12.74 -0.49
N GLU A 2 24.39 12.07 0.25
CA GLU A 2 24.04 11.22 1.41
C GLU A 2 22.77 11.80 2.07
N MET A 3 21.72 10.98 2.21
CA MET A 3 20.36 11.45 2.55
C MET A 3 20.29 11.86 4.03
N GLU A 4 21.09 11.24 4.91
CA GLU A 4 21.19 11.55 6.37
C GLU A 4 21.72 12.97 6.60
N LYS A 5 22.51 13.51 5.67
CA LYS A 5 23.08 14.88 5.76
C LYS A 5 22.06 15.85 5.18
N GLU A 6 21.47 15.49 4.05
CA GLU A 6 20.29 16.20 3.47
C GLU A 6 19.20 16.32 4.55
N PHE A 7 19.03 15.27 5.38
CA PHE A 7 18.01 15.17 6.45
C PHE A 7 18.27 16.25 7.52
N GLU A 8 19.49 16.27 8.06
CA GLU A 8 19.87 17.18 9.18
C GLU A 8 19.85 18.64 8.70
N GLN A 9 20.22 18.88 7.44
CA GLN A 9 20.19 20.21 6.76
C GLN A 9 18.75 20.73 6.53
N ILE A 10 17.76 19.85 6.30
CA ILE A 10 16.33 20.27 6.15
C ILE A 10 15.76 20.50 7.56
N ASP A 11 16.10 19.63 8.53
CA ASP A 11 15.69 19.77 9.95
C ASP A 11 16.24 21.11 10.49
N LYS A 12 17.53 21.37 10.33
CA LYS A 12 18.17 22.57 10.95
C LYS A 12 17.57 23.82 10.29
N SER A 13 17.32 23.77 8.98
CA SER A 13 16.75 24.91 8.22
C SER A 13 15.22 24.93 8.29
N GLY A 14 14.57 23.90 8.86
CA GLY A 14 13.11 23.79 9.00
C GLY A 14 12.36 23.93 7.69
N SER A 15 12.81 23.30 6.60
CA SER A 15 12.25 23.51 5.23
C SER A 15 11.45 22.29 4.72
N TRP A 16 10.88 21.46 5.59
CA TRP A 16 10.13 20.26 5.13
C TRP A 16 8.94 20.66 4.25
N ALA A 17 8.20 21.71 4.60
CA ALA A 17 7.02 22.16 3.83
C ALA A 17 7.46 22.59 2.43
N ALA A 18 8.62 23.25 2.31
CA ALA A 18 9.11 23.76 1.00
C ALA A 18 9.51 22.57 0.11
N ILE A 19 10.27 21.60 0.65
CA ILE A 19 10.67 20.38 -0.10
C ILE A 19 9.39 19.65 -0.58
N TYR A 20 8.41 19.47 0.31
CA TYR A 20 7.16 18.71 0.01
C TYR A 20 6.41 19.42 -1.11
N GLN A 21 6.28 20.75 -1.04
CA GLN A 21 5.56 21.51 -2.09
C GLN A 21 6.27 21.39 -3.44
N ASP A 22 7.60 21.36 -3.49
CA ASP A 22 8.38 21.16 -4.76
C ASP A 22 8.00 19.81 -5.40
N ILE A 23 7.87 18.75 -4.61
CA ILE A 23 7.39 17.42 -5.11
C ILE A 23 5.99 17.57 -5.68
N ARG A 24 5.08 18.22 -4.94
CA ARG A 24 3.69 18.41 -5.40
C ARG A 24 3.66 19.12 -6.76
N HIS A 25 4.51 20.12 -6.95
CA HIS A 25 4.56 20.95 -8.20
C HIS A 25 5.13 20.15 -9.38
N GLU A 26 6.12 19.29 -9.15
CA GLU A 26 6.80 18.48 -10.22
C GLU A 26 6.04 17.19 -10.56
N ALA A 27 5.05 16.77 -9.77
CA ALA A 27 4.42 15.44 -9.90
C ALA A 27 3.65 15.36 -11.22
N SER A 28 3.62 14.19 -11.83
CA SER A 28 2.89 13.86 -13.08
C SER A 28 1.41 14.17 -12.94
N ASP A 29 0.77 14.54 -14.06
CA ASP A 29 -0.69 14.72 -14.21
C ASP A 29 -1.09 13.94 -15.45
N PHE A 30 -1.86 12.86 -15.27
CA PHE A 30 -2.34 11.96 -16.31
C PHE A 30 -3.85 11.93 -16.17
N PRO A 31 -4.61 11.62 -17.24
CA PRO A 31 -6.05 11.51 -17.12
C PRO A 31 -6.52 10.31 -16.24
N SER A 32 -7.66 10.53 -15.56
CA SER A 32 -8.44 9.51 -14.80
C SER A 32 -9.89 9.52 -15.26
N ARG A 33 -10.15 9.41 -16.55
CA ARG A 33 -11.53 9.56 -17.09
C ARG A 33 -12.41 8.38 -16.64
N VAL A 34 -11.91 7.14 -16.56
CA VAL A 34 -12.80 6.02 -16.15
C VAL A 34 -13.29 6.29 -14.71
N ALA A 35 -12.43 6.75 -13.79
CA ALA A 35 -12.75 6.96 -12.35
C ALA A 35 -13.91 7.96 -12.23
N LYS A 36 -13.96 8.96 -13.12
CA LYS A 36 -14.94 10.08 -13.03
C LYS A 36 -16.26 9.77 -13.78
N LEU A 37 -16.44 8.64 -14.45
CA LEU A 37 -17.77 8.31 -15.06
C LEU A 37 -18.85 8.24 -13.96
N PRO A 38 -20.07 8.79 -14.21
CA PRO A 38 -21.12 8.79 -13.20
C PRO A 38 -21.46 7.39 -12.65
N LYS A 39 -21.42 6.34 -13.46
CA LYS A 39 -21.72 4.96 -12.99
C LYS A 39 -20.70 4.52 -11.90
N ASN A 40 -19.58 5.23 -11.70
CA ASN A 40 -18.50 4.79 -10.76
C ASN A 40 -18.50 5.62 -9.48
N LYS A 41 -19.47 6.53 -9.27
CA LYS A 41 -19.40 7.45 -8.13
C LYS A 41 -19.36 6.66 -6.78
N ASN A 42 -20.15 5.60 -6.63
CA ASN A 42 -20.18 4.84 -5.36
C ASN A 42 -19.02 3.81 -5.30
N ARG A 43 -18.07 3.82 -6.25
CA ARG A 43 -16.86 2.96 -6.20
C ARG A 43 -15.65 3.75 -5.71
N ASN A 44 -15.78 5.04 -5.44
CA ASN A 44 -14.69 5.93 -4.97
C ASN A 44 -14.99 6.44 -3.57
N ARG A 45 -14.06 6.32 -2.66
CA ARG A 45 -14.20 6.83 -1.28
C ARG A 45 -14.10 8.35 -1.30
N TYR A 46 -13.11 8.88 -2.02
CA TYR A 46 -12.78 10.34 -2.03
C TYR A 46 -12.81 10.84 -3.48
N ARG A 47 -13.53 11.95 -3.70
CA ARG A 47 -13.68 12.61 -5.03
C ARG A 47 -12.33 13.07 -5.59
N ASP A 48 -11.36 13.37 -4.75
CA ASP A 48 -10.05 13.93 -5.19
C ASP A 48 -8.93 12.83 -5.24
N VAL A 49 -9.26 11.55 -5.05
CA VAL A 49 -8.24 10.46 -5.16
C VAL A 49 -8.75 9.43 -6.16
N SER A 50 -8.12 9.36 -7.33
CA SER A 50 -8.50 8.51 -8.46
C SER A 50 -7.24 7.87 -9.05
N PRO A 51 -7.40 6.66 -9.59
CA PRO A 51 -6.35 5.96 -10.34
C PRO A 51 -6.26 6.61 -11.74
N PHE A 52 -5.04 6.81 -12.23
CA PHE A 52 -4.82 7.17 -13.66
C PHE A 52 -5.34 6.07 -14.57
N ASP A 53 -5.86 6.43 -15.76
CA ASP A 53 -6.28 5.43 -16.75
C ASP A 53 -5.13 4.50 -17.14
N HIS A 54 -3.90 4.98 -17.32
CA HIS A 54 -2.83 4.17 -17.94
C HIS A 54 -2.39 3.01 -17.00
N SER A 55 -2.55 3.18 -15.69
CA SER A 55 -1.98 2.27 -14.67
C SER A 55 -3.10 1.62 -13.82
N ARG A 56 -4.37 1.85 -14.12
CA ARG A 56 -5.48 1.32 -13.26
C ARG A 56 -5.55 -0.20 -13.37
N ILE A 57 -5.91 -0.91 -12.26
CA ILE A 57 -6.23 -2.34 -12.35
C ILE A 57 -7.63 -2.53 -12.91
N LYS A 58 -7.74 -3.35 -13.96
CA LYS A 58 -9.03 -3.79 -14.53
C LYS A 58 -9.55 -5.12 -13.92
N LEU A 59 -10.81 -5.10 -13.48
CA LEU A 59 -11.55 -6.32 -13.10
C LEU A 59 -11.90 -7.09 -14.38
N HIS A 60 -11.81 -8.42 -14.34
CA HIS A 60 -12.05 -9.33 -15.50
C HIS A 60 -13.56 -9.56 -15.59
N GLN A 61 -14.30 -8.57 -16.06
CA GLN A 61 -15.75 -8.77 -16.34
C GLN A 61 -16.23 -7.68 -17.29
N GLU A 62 -17.25 -7.99 -18.07
CA GLU A 62 -17.68 -7.17 -19.25
C GLU A 62 -18.59 -6.04 -18.75
N ASP A 63 -19.32 -6.26 -17.67
CA ASP A 63 -20.31 -5.31 -17.11
C ASP A 63 -19.60 -4.00 -16.74
N ASN A 64 -18.77 -4.01 -15.69
CA ASN A 64 -18.05 -2.80 -15.22
C ASN A 64 -16.69 -3.25 -14.67
N ASP A 65 -15.59 -2.84 -15.32
CA ASP A 65 -14.23 -3.33 -14.95
C ASP A 65 -13.56 -2.40 -13.94
N TYR A 66 -14.27 -1.45 -13.33
CA TYR A 66 -13.61 -0.37 -12.56
C TYR A 66 -13.40 -0.78 -11.07
N ILE A 67 -12.19 -0.49 -10.56
CA ILE A 67 -11.85 -0.45 -9.10
C ILE A 67 -10.85 0.68 -8.88
N ASN A 68 -10.94 1.38 -7.77
CA ASN A 68 -9.97 2.41 -7.36
C ASN A 68 -8.68 1.74 -6.85
N ALA A 69 -7.80 1.38 -7.80
CA ALA A 69 -6.56 0.62 -7.58
C ALA A 69 -5.58 0.88 -8.75
N SER A 70 -4.30 0.98 -8.43
CA SER A 70 -3.22 1.31 -9.40
C SER A 70 -2.07 0.31 -9.31
N LEU A 71 -1.46 -0.05 -10.45
CA LEU A 71 -0.21 -0.88 -10.50
C LEU A 71 1.00 0.02 -10.48
N ILE A 72 1.80 -0.01 -9.43
CA ILE A 72 3.07 0.74 -9.31
C ILE A 72 4.20 -0.26 -9.73
N LYS A 73 4.80 -0.10 -10.92
CA LYS A 73 5.85 -1.03 -11.44
C LYS A 73 7.24 -0.40 -11.38
N MET A 74 8.13 -0.84 -10.46
CA MET A 74 9.45 -0.19 -10.24
C MET A 74 10.51 -1.01 -11.02
N GLU A 75 10.93 -0.50 -12.18
CA GLU A 75 11.74 -1.22 -13.19
C GLU A 75 13.13 -1.57 -12.63
N GLU A 76 13.89 -0.62 -12.09
CA GLU A 76 15.27 -0.88 -11.60
C GLU A 76 15.21 -1.78 -10.36
N ALA A 77 14.29 -1.51 -9.43
CA ALA A 77 14.20 -2.36 -8.21
C ALA A 77 13.60 -3.73 -8.48
N GLN A 78 12.91 -3.96 -9.61
CA GLN A 78 12.24 -5.25 -9.93
C GLN A 78 11.21 -5.56 -8.82
N ARG A 79 10.39 -4.58 -8.42
CA ARG A 79 9.27 -4.79 -7.48
C ARG A 79 8.01 -4.20 -8.10
N SER A 80 6.86 -4.84 -7.92
CA SER A 80 5.54 -4.26 -8.27
C SER A 80 4.63 -4.24 -7.04
N TYR A 81 3.75 -3.24 -6.94
CA TYR A 81 2.78 -3.12 -5.82
C TYR A 81 1.44 -2.72 -6.43
N ILE A 82 0.33 -3.24 -5.90
CA ILE A 82 -0.98 -2.63 -6.17
C ILE A 82 -1.37 -1.76 -4.98
N LEU A 83 -1.58 -0.45 -5.19
CA LEU A 83 -2.06 0.47 -4.15
C LEU A 83 -3.55 0.77 -4.37
N THR A 84 -4.40 0.57 -3.33
CA THR A 84 -5.87 0.68 -3.46
C THR A 84 -6.43 1.41 -2.20
N GLN A 85 -7.64 1.94 -2.31
CA GLN A 85 -8.37 2.57 -1.17
C GLN A 85 -8.83 1.44 -0.23
N GLY A 86 -9.15 1.75 1.03
CA GLY A 86 -9.89 0.79 1.86
C GLY A 86 -11.22 0.47 1.18
N PRO A 87 -11.63 -0.81 1.11
CA PRO A 87 -12.86 -1.19 0.47
C PRO A 87 -14.10 -0.53 1.12
N LEU A 88 -15.08 -0.25 0.29
CA LEU A 88 -16.38 0.36 0.66
C LEU A 88 -17.40 -0.79 0.77
N PRO A 89 -18.56 -0.54 1.43
CA PRO A 89 -19.59 -1.56 1.53
C PRO A 89 -19.94 -2.16 0.17
N ASN A 90 -20.01 -1.37 -0.89
CA ASN A 90 -20.38 -1.98 -2.20
C ASN A 90 -19.15 -2.45 -3.02
N THR A 91 -17.91 -2.32 -2.54
CA THR A 91 -16.71 -2.81 -3.30
C THR A 91 -15.92 -3.91 -2.58
N VAL A 92 -16.48 -4.57 -1.53
CA VAL A 92 -15.71 -5.65 -0.87
C VAL A 92 -15.56 -6.83 -1.83
N GLY A 93 -16.61 -7.19 -2.60
CA GLY A 93 -16.53 -8.27 -3.58
C GLY A 93 -15.56 -7.96 -4.72
N HIS A 94 -15.54 -6.72 -5.24
CA HIS A 94 -14.52 -6.25 -6.25
C HIS A 94 -13.10 -6.45 -5.71
N PHE A 95 -12.87 -6.04 -4.45
CA PHE A 95 -11.55 -6.10 -3.78
C PHE A 95 -11.02 -7.54 -3.86
N TRP A 96 -11.82 -8.54 -3.41
CA TRP A 96 -11.38 -9.94 -3.39
C TRP A 96 -11.29 -10.52 -4.83
N GLU A 97 -12.11 -10.06 -5.76
CA GLU A 97 -12.00 -10.43 -7.20
C GLU A 97 -10.59 -10.01 -7.71
N MET A 98 -10.16 -8.78 -7.40
CA MET A 98 -8.84 -8.25 -7.79
C MET A 98 -7.72 -9.11 -7.20
N VAL A 99 -7.75 -9.41 -5.89
CA VAL A 99 -6.73 -10.28 -5.26
C VAL A 99 -6.64 -11.63 -6.01
N TRP A 100 -7.79 -12.23 -6.33
CA TRP A 100 -7.89 -13.53 -7.03
C TRP A 100 -7.23 -13.38 -8.43
N GLU A 101 -7.73 -12.43 -9.21
CA GLU A 101 -7.35 -12.26 -10.66
C GLU A 101 -5.88 -11.87 -10.82
N GLN A 102 -5.32 -11.07 -9.91
CA GLN A 102 -3.91 -10.62 -9.97
C GLN A 102 -2.93 -11.61 -9.34
N LYS A 103 -3.39 -12.72 -8.71
CA LYS A 103 -2.56 -13.82 -8.13
C LYS A 103 -1.73 -13.34 -6.94
N SER A 104 -2.24 -12.36 -6.22
CA SER A 104 -1.58 -11.82 -5.04
C SER A 104 -1.48 -12.89 -3.92
N ARG A 105 -0.42 -12.86 -3.14
CA ARG A 105 -0.21 -13.77 -1.97
C ARG A 105 -0.51 -13.02 -0.66
N GLY A 106 -0.32 -11.71 -0.63
CA GLY A 106 -0.40 -10.87 0.57
C GLY A 106 -1.30 -9.66 0.39
N VAL A 107 -1.96 -9.25 1.47
CA VAL A 107 -2.69 -7.94 1.60
C VAL A 107 -2.08 -7.22 2.79
N VAL A 108 -1.66 -5.99 2.59
CA VAL A 108 -1.05 -5.12 3.63
C VAL A 108 -2.05 -4.01 3.99
N MET A 109 -2.53 -3.98 5.24
CA MET A 109 -3.53 -2.99 5.76
C MET A 109 -2.85 -2.07 6.79
N LEU A 110 -2.85 -0.74 6.56
CA LEU A 110 -2.11 0.19 7.45
C LEU A 110 -3.04 1.07 8.32
N ASN A 111 -4.33 0.79 8.30
CA ASN A 111 -5.34 1.61 9.04
C ASN A 111 -6.15 0.67 9.97
N ARG A 112 -6.90 1.27 10.92
CA ARG A 112 -7.99 0.58 11.68
C ARG A 112 -9.30 0.85 10.96
N VAL A 113 -10.26 -0.05 11.12
CA VAL A 113 -11.60 0.07 10.53
C VAL A 113 -12.28 1.36 11.03
N MET A 114 -12.09 1.68 12.31
CA MET A 114 -12.56 2.96 12.86
C MET A 114 -11.34 3.77 13.34
N GLU A 115 -11.26 5.02 12.90
CA GLU A 115 -10.22 5.99 13.41
C GLU A 115 -10.89 7.37 13.57
N LYS A 116 -10.51 8.13 14.58
CA LYS A 116 -11.09 9.49 14.79
C LYS A 116 -12.64 9.41 14.88
N GLY A 117 -13.19 8.31 15.41
CA GLY A 117 -14.66 8.12 15.54
C GLY A 117 -15.44 7.93 14.26
N SER A 118 -14.81 7.63 13.10
CA SER A 118 -15.52 7.47 11.80
C SER A 118 -15.05 6.20 11.11
N LEU A 119 -15.82 5.67 10.18
CA LEU A 119 -15.41 4.43 9.52
C LEU A 119 -14.39 4.76 8.39
N LYS A 120 -13.21 4.15 8.42
CA LYS A 120 -12.16 4.36 7.39
C LYS A 120 -12.15 3.25 6.33
N CYS A 121 -12.78 2.09 6.60
CA CYS A 121 -12.98 1.03 5.60
C CYS A 121 -13.93 -0.04 6.14
N ALA A 122 -14.55 -0.78 5.25
CA ALA A 122 -15.50 -1.86 5.56
C ALA A 122 -14.76 -2.98 6.34
N GLN A 123 -15.50 -3.72 7.17
CA GLN A 123 -15.00 -4.94 7.81
C GLN A 123 -15.02 -6.02 6.72
N TYR A 124 -13.92 -6.20 5.97
CA TYR A 124 -13.93 -6.92 4.67
C TYR A 124 -13.36 -8.35 4.81
N TRP A 125 -13.00 -8.76 6.04
CA TRP A 125 -12.48 -10.14 6.31
C TRP A 125 -13.21 -10.69 7.55
N PRO A 126 -13.34 -12.03 7.67
CA PRO A 126 -14.04 -12.66 8.81
C PRO A 126 -13.24 -12.64 10.10
N GLN A 127 -13.95 -12.47 11.22
CA GLN A 127 -13.32 -12.28 12.55
C GLN A 127 -13.31 -13.62 13.35
N LYS A 128 -14.11 -14.55 12.92
CA LYS A 128 -14.22 -15.89 13.57
C LYS A 128 -14.12 -17.00 12.53
N GLU A 129 -13.39 -18.06 12.89
CA GLU A 129 -13.19 -19.26 12.03
C GLU A 129 -14.52 -19.78 11.50
N GLU A 130 -15.51 -19.96 12.38
CA GLU A 130 -16.78 -20.67 12.05
C GLU A 130 -17.79 -19.74 11.34
N LYS A 131 -17.47 -18.47 11.09
CA LYS A 131 -18.38 -17.51 10.41
C LYS A 131 -17.72 -16.96 9.13
N GLU A 132 -17.72 -17.75 8.08
CA GLU A 132 -17.07 -17.39 6.80
C GLU A 132 -17.91 -16.30 6.11
N MET A 133 -17.33 -15.64 5.09
CA MET A 133 -18.00 -14.58 4.30
C MET A 133 -18.18 -15.09 2.88
N ILE A 134 -19.35 -14.88 2.31
CA ILE A 134 -19.62 -15.15 0.88
C ILE A 134 -19.91 -13.80 0.20
N PHE A 135 -19.25 -13.54 -0.94
CA PHE A 135 -19.43 -12.34 -1.79
C PHE A 135 -20.21 -12.80 -3.02
N GLU A 136 -21.54 -12.61 -3.03
CA GLU A 136 -22.42 -13.23 -4.07
C GLU A 136 -22.18 -12.53 -5.41
N ASP A 137 -21.91 -11.22 -5.40
CA ASP A 137 -21.70 -10.46 -6.67
C ASP A 137 -20.50 -11.03 -7.45
N THR A 138 -19.39 -11.47 -6.83
CA THR A 138 -18.17 -11.98 -7.52
C THR A 138 -17.94 -13.51 -7.33
N ASN A 139 -18.81 -14.22 -6.61
CA ASN A 139 -18.77 -15.70 -6.46
C ASN A 139 -17.49 -16.15 -5.74
N LEU A 140 -17.19 -15.53 -4.59
CA LEU A 140 -16.01 -15.90 -3.77
C LEU A 140 -16.46 -16.21 -2.32
N LYS A 141 -15.68 -17.09 -1.68
CA LYS A 141 -15.81 -17.43 -0.25
C LYS A 141 -14.49 -17.19 0.44
N LEU A 142 -14.54 -16.58 1.62
CA LEU A 142 -13.36 -16.20 2.41
C LEU A 142 -13.53 -16.76 3.83
N THR A 143 -12.54 -17.49 4.31
CA THR A 143 -12.53 -18.14 5.67
C THR A 143 -11.30 -17.71 6.42
N LEU A 144 -11.46 -17.37 7.69
CA LEU A 144 -10.34 -17.14 8.62
C LEU A 144 -9.76 -18.50 9.04
N ILE A 145 -8.46 -18.70 8.84
CA ILE A 145 -7.76 -19.99 9.14
C ILE A 145 -7.04 -19.86 10.47
N SER A 146 -6.37 -18.75 10.73
CA SER A 146 -5.62 -18.51 11.99
C SER A 146 -5.31 -17.03 12.09
N GLU A 147 -4.97 -16.59 13.29
CA GLU A 147 -4.72 -15.17 13.62
C GLU A 147 -3.60 -15.14 14.66
N ASP A 148 -2.56 -14.33 14.45
CA ASP A 148 -1.47 -14.09 15.43
C ASP A 148 -1.42 -12.61 15.80
N ILE A 149 -1.86 -12.23 17.00
CA ILE A 149 -1.92 -10.80 17.46
C ILE A 149 -0.66 -10.46 18.25
N LYS A 150 0.10 -9.46 17.79
CA LYS A 150 1.33 -8.96 18.42
C LYS A 150 1.08 -7.53 18.84
N SER A 151 2.03 -6.89 19.52
CA SER A 151 1.76 -5.56 20.13
C SER A 151 1.58 -4.48 19.05
N TYR A 152 2.22 -4.62 17.87
CA TYR A 152 2.24 -3.53 16.87
C TYR A 152 1.51 -3.96 15.58
N TYR A 153 1.26 -5.23 15.38
CA TYR A 153 0.63 -5.79 14.16
C TYR A 153 0.01 -7.16 14.46
N THR A 154 -0.92 -7.55 13.59
CA THR A 154 -1.63 -8.84 13.52
C THR A 154 -1.37 -9.48 12.15
N VAL A 155 -1.00 -10.75 12.13
CA VAL A 155 -0.95 -11.54 10.87
C VAL A 155 -2.06 -12.57 10.89
N ARG A 156 -2.81 -12.61 9.81
CA ARG A 156 -3.89 -13.59 9.61
C ARG A 156 -3.64 -14.49 8.41
N GLN A 157 -3.95 -15.78 8.53
CA GLN A 157 -4.06 -16.69 7.37
C GLN A 157 -5.51 -16.81 6.96
N LEU A 158 -5.81 -16.52 5.68
CA LEU A 158 -7.16 -16.59 5.07
C LEU A 158 -7.16 -17.61 3.94
N GLU A 159 -8.31 -18.25 3.69
CA GLU A 159 -8.52 -19.14 2.54
C GLU A 159 -9.53 -18.46 1.61
N LEU A 160 -9.11 -18.17 0.37
CA LEU A 160 -10.03 -17.62 -0.65
C LEU A 160 -10.37 -18.72 -1.66
N GLU A 161 -11.67 -18.96 -1.85
CA GLU A 161 -12.19 -19.98 -2.78
C GLU A 161 -12.96 -19.30 -3.90
N ASN A 162 -12.56 -19.60 -5.12
CA ASN A 162 -13.34 -19.26 -6.34
C ASN A 162 -14.47 -20.27 -6.49
N LEU A 163 -15.71 -19.87 -6.15
CA LEU A 163 -16.85 -20.83 -6.04
C LEU A 163 -17.18 -21.40 -7.44
N THR A 164 -16.84 -20.68 -8.52
CA THR A 164 -17.06 -21.09 -9.94
C THR A 164 -16.26 -22.36 -10.27
N THR A 165 -14.99 -22.46 -9.82
CA THR A 165 -14.02 -23.54 -10.18
C THR A 165 -13.66 -24.42 -8.99
N GLN A 166 -14.04 -24.02 -7.77
CA GLN A 166 -13.72 -24.73 -6.50
C GLN A 166 -12.21 -24.73 -6.30
N GLU A 167 -11.44 -23.87 -6.97
CA GLU A 167 -10.01 -23.67 -6.59
C GLU A 167 -9.93 -22.84 -5.30
N THR A 168 -8.90 -23.09 -4.49
CA THR A 168 -8.62 -22.39 -3.21
C THR A 168 -7.19 -21.87 -3.24
N ARG A 169 -6.94 -20.78 -2.52
CA ARG A 169 -5.58 -20.29 -2.28
C ARG A 169 -5.48 -19.71 -0.88
N GLU A 170 -4.27 -19.74 -0.36
CA GLU A 170 -3.93 -19.14 0.93
C GLU A 170 -3.50 -17.68 0.72
N ILE A 171 -4.18 -16.74 1.36
CA ILE A 171 -3.80 -15.29 1.37
C ILE A 171 -3.31 -14.90 2.77
N LEU A 172 -2.19 -14.21 2.88
CA LEU A 172 -1.70 -13.68 4.17
C LEU A 172 -2.14 -12.21 4.34
N HIS A 173 -2.75 -11.88 5.46
CA HIS A 173 -3.23 -10.51 5.82
C HIS A 173 -2.30 -9.91 6.87
N PHE A 174 -1.51 -8.91 6.50
CA PHE A 174 -0.56 -8.18 7.37
C PHE A 174 -1.21 -6.86 7.78
N HIS A 175 -1.57 -6.74 9.06
CA HIS A 175 -2.38 -5.61 9.59
C HIS A 175 -1.58 -4.80 10.59
N TYR A 176 -1.03 -3.66 10.17
CA TYR A 176 -0.30 -2.73 11.07
C TYR A 176 -1.37 -1.95 11.86
N THR A 177 -1.45 -2.17 13.17
CA THR A 177 -2.60 -1.71 14.00
C THR A 177 -2.32 -0.47 14.87
N THR A 178 -1.13 0.10 14.87
CA THR A 178 -0.70 1.12 15.85
C THR A 178 -0.28 2.44 15.20
N TRP A 179 -0.59 2.69 13.92
CA TRP A 179 -0.31 4.04 13.35
C TRP A 179 -1.22 5.03 14.11
N PRO A 180 -0.69 6.12 14.68
CA PRO A 180 -1.54 7.03 15.47
C PRO A 180 -2.65 7.73 14.67
N ASP A 181 -3.78 8.05 15.33
CA ASP A 181 -4.91 8.76 14.68
C ASP A 181 -4.42 10.08 14.06
N PHE A 182 -3.52 10.83 14.71
CA PHE A 182 -2.92 12.09 14.17
C PHE A 182 -1.39 11.97 14.02
N GLY A 183 -0.83 12.59 12.99
CA GLY A 183 0.63 12.58 12.76
C GLY A 183 1.20 11.23 12.32
N VAL A 184 2.48 10.99 12.65
CA VAL A 184 3.30 9.82 12.20
C VAL A 184 3.91 9.22 13.45
N PRO A 185 4.36 7.95 13.45
CA PRO A 185 5.06 7.39 14.62
C PRO A 185 6.33 8.18 14.97
N GLU A 186 6.64 8.25 16.26
CA GLU A 186 7.83 8.96 16.79
C GLU A 186 9.12 8.27 16.32
N SER A 187 9.14 6.94 16.33
CA SER A 187 10.25 6.07 15.86
C SER A 187 9.78 5.16 14.74
N PRO A 188 10.64 4.87 13.72
CA PRO A 188 10.24 3.97 12.63
C PRO A 188 10.51 2.50 12.94
N ALA A 189 10.94 2.18 14.16
CA ALA A 189 11.37 0.81 14.49
C ALA A 189 10.24 -0.19 14.27
N SER A 190 9.02 0.05 14.75
CA SER A 190 7.95 -0.99 14.59
C SER A 190 7.50 -1.07 13.11
N PHE A 191 7.45 0.04 12.37
CA PHE A 191 7.10 0.02 10.92
C PHE A 191 8.11 -0.84 10.11
N LEU A 192 9.41 -0.66 10.38
CA LEU A 192 10.50 -1.41 9.71
C LEU A 192 10.39 -2.90 10.07
N ASN A 193 10.24 -3.25 11.35
CA ASN A 193 9.97 -4.63 11.80
C ASN A 193 8.83 -5.22 10.95
N PHE A 194 7.73 -4.46 10.81
CA PHE A 194 6.53 -4.94 10.08
C PHE A 194 6.91 -5.21 8.61
N LEU A 195 7.61 -4.26 8.00
CA LEU A 195 7.99 -4.39 6.55
C LEU A 195 8.81 -5.68 6.39
N PHE A 196 9.74 -5.91 7.33
CA PHE A 196 10.65 -7.08 7.38
C PHE A 196 9.84 -8.38 7.48
N LYS A 197 8.72 -8.35 8.22
CA LYS A 197 7.79 -9.53 8.33
C LYS A 197 7.06 -9.79 7.02
N VAL A 198 6.62 -8.71 6.33
CA VAL A 198 5.93 -8.92 5.01
C VAL A 198 6.97 -9.54 4.04
N ARG A 199 8.17 -9.01 4.00
CA ARG A 199 9.22 -9.52 3.05
C ARG A 199 9.48 -11.02 3.29
N GLU A 200 9.67 -11.38 4.56
CA GLU A 200 10.01 -12.75 5.01
C GLU A 200 8.94 -13.75 4.56
N SER A 201 7.69 -13.31 4.47
CA SER A 201 6.55 -14.16 4.07
C SER A 201 6.59 -14.63 2.60
N GLY A 202 7.36 -13.97 1.73
CA GLY A 202 7.29 -14.23 0.27
C GLY A 202 6.30 -13.35 -0.48
N SER A 203 5.51 -12.54 0.23
CA SER A 203 4.37 -11.78 -0.38
C SER A 203 4.90 -10.76 -1.42
N LEU A 204 6.16 -10.31 -1.29
CA LEU A 204 6.70 -9.23 -2.18
C LEU A 204 7.54 -9.83 -3.32
N SER A 205 7.61 -11.14 -3.39
CA SER A 205 8.56 -11.83 -4.29
C SER A 205 7.95 -12.10 -5.68
N PRO A 206 8.80 -12.17 -6.73
CA PRO A 206 8.31 -12.32 -8.11
C PRO A 206 7.60 -13.62 -8.46
N GLU A 207 7.65 -14.63 -7.60
CA GLU A 207 6.87 -15.86 -7.89
C GLU A 207 5.36 -15.64 -7.66
N HIS A 208 4.95 -14.53 -7.06
CA HIS A 208 3.52 -14.22 -6.80
C HIS A 208 3.11 -12.99 -7.61
N GLY A 209 1.81 -12.78 -7.82
CA GLY A 209 1.26 -11.47 -8.22
C GLY A 209 1.68 -10.34 -7.27
N PRO A 210 1.48 -9.05 -7.62
CA PRO A 210 1.87 -7.96 -6.73
C PRO A 210 1.08 -7.99 -5.41
N VAL A 211 1.77 -7.65 -4.32
CA VAL A 211 1.14 -7.36 -3.00
C VAL A 211 0.03 -6.27 -3.17
N VAL A 212 -1.12 -6.45 -2.49
CA VAL A 212 -2.15 -5.37 -2.43
C VAL A 212 -1.92 -4.56 -1.15
N VAL A 213 -1.66 -3.26 -1.27
CA VAL A 213 -1.39 -2.34 -0.13
C VAL A 213 -2.53 -1.31 -0.03
N HIS A 214 -3.11 -1.13 1.16
CA HIS A 214 -4.15 -0.08 1.38
C HIS A 214 -4.05 0.61 2.74
N CYS A 215 -4.63 1.80 2.78
CA CYS A 215 -4.95 2.53 4.03
C CYS A 215 -6.38 3.03 3.88
N SER A 216 -6.74 4.27 4.23
CA SER A 216 -8.10 4.73 3.86
C SER A 216 -8.15 5.19 2.38
N ALA A 217 -7.32 6.14 1.95
CA ALA A 217 -7.34 6.59 0.53
C ALA A 217 -6.39 5.77 -0.36
N GLY A 218 -5.45 5.06 0.23
CA GLY A 218 -4.40 4.31 -0.50
C GLY A 218 -3.31 5.20 -1.16
N ILE A 219 -2.96 6.30 -0.54
CA ILE A 219 -1.87 7.21 -1.03
C ILE A 219 -0.90 7.62 0.06
N GLY A 220 -1.31 7.77 1.34
CA GLY A 220 -0.44 8.33 2.39
C GLY A 220 0.42 7.30 3.10
N ARG A 221 -0.12 6.61 4.12
CA ARG A 221 0.60 5.46 4.75
C ARG A 221 1.04 4.45 3.67
N SER A 222 0.15 4.11 2.74
CA SER A 222 0.41 3.15 1.64
C SER A 222 1.64 3.61 0.83
N GLY A 223 1.71 4.90 0.53
CA GLY A 223 2.87 5.53 -0.15
C GLY A 223 4.16 5.36 0.64
N THR A 224 4.08 5.50 1.95
CA THR A 224 5.26 5.39 2.84
C THR A 224 5.83 3.96 2.80
N PHE A 225 4.96 2.96 2.86
CA PHE A 225 5.32 1.53 2.81
C PHE A 225 6.10 1.22 1.52
N CYS A 226 5.54 1.53 0.33
CA CYS A 226 6.21 1.14 -0.95
C CYS A 226 7.49 1.97 -1.15
N LEU A 227 7.50 3.23 -0.78
CA LEU A 227 8.68 4.12 -0.94
C LEU A 227 9.85 3.57 -0.10
N ALA A 228 9.58 3.22 1.17
CA ALA A 228 10.65 2.71 2.04
C ALA A 228 11.16 1.39 1.47
N ASP A 229 10.29 0.46 1.11
CA ASP A 229 10.72 -0.86 0.58
C ASP A 229 11.62 -0.69 -0.65
N THR A 230 11.17 0.06 -1.65
CA THR A 230 11.91 0.26 -2.93
C THR A 230 13.27 0.93 -2.63
N CYS A 231 13.32 1.96 -1.81
CA CYS A 231 14.59 2.67 -1.51
C CYS A 231 15.64 1.71 -0.89
N LEU A 232 15.22 0.89 0.10
CA LEU A 232 16.11 -0.07 0.80
C LEU A 232 16.58 -1.16 -0.19
N LEU A 233 15.72 -1.61 -1.10
CA LEU A 233 16.11 -2.62 -2.12
C LEU A 233 17.16 -2.02 -3.07
N LEU A 234 16.97 -0.78 -3.55
CA LEU A 234 17.97 -0.11 -4.43
C LEU A 234 19.31 0.07 -3.70
N MET A 235 19.32 0.33 -2.37
CA MET A 235 20.58 0.51 -1.62
C MET A 235 21.34 -0.82 -1.56
N ASP A 236 20.64 -1.95 -1.58
CA ASP A 236 21.25 -3.32 -1.62
C ASP A 236 21.84 -3.68 -2.99
N LYS A 237 21.21 -3.23 -4.06
CA LYS A 237 21.50 -3.63 -5.45
C LYS A 237 22.66 -2.80 -6.05
N ARG A 238 22.78 -1.53 -5.73
CA ARG A 238 23.74 -0.58 -6.43
C ARG A 238 25.15 -0.65 -5.82
N LYS A 239 26.17 -0.26 -6.59
CA LYS A 239 27.57 -0.16 -6.07
C LYS A 239 27.68 0.95 -5.01
N ASP A 240 27.01 2.08 -5.21
CA ASP A 240 27.10 3.24 -4.28
C ASP A 240 25.72 3.46 -3.67
N PRO A 241 25.45 2.93 -2.45
CA PRO A 241 24.17 3.16 -1.76
C PRO A 241 23.77 4.64 -1.66
N SER A 242 24.76 5.53 -1.49
CA SER A 242 24.56 6.99 -1.29
C SER A 242 23.95 7.66 -2.54
N SER A 243 23.97 6.99 -3.70
CA SER A 243 23.33 7.51 -4.93
C SER A 243 21.79 7.41 -4.86
N VAL A 244 21.18 6.71 -3.90
CA VAL A 244 19.70 6.51 -3.95
C VAL A 244 19.04 7.83 -3.53
N ASP A 245 18.21 8.42 -4.39
CA ASP A 245 17.60 9.75 -4.18
C ASP A 245 16.10 9.57 -3.87
N ILE A 246 15.70 9.71 -2.62
CA ILE A 246 14.32 9.35 -2.18
C ILE A 246 13.29 10.24 -2.89
N LYS A 247 13.61 11.50 -3.16
CA LYS A 247 12.68 12.43 -3.85
C LYS A 247 12.49 11.96 -5.28
N LYS A 248 13.57 11.51 -5.96
CA LYS A 248 13.45 10.99 -7.34
C LYS A 248 12.67 9.65 -7.37
N VAL A 249 12.87 8.80 -6.41
CA VAL A 249 12.06 7.53 -6.35
C VAL A 249 10.58 7.89 -6.19
N LEU A 250 10.25 8.78 -5.27
CA LEU A 250 8.83 9.18 -5.04
C LEU A 250 8.24 9.78 -6.33
N LEU A 251 8.94 10.68 -7.03
CA LEU A 251 8.39 11.19 -8.32
C LEU A 251 8.19 10.09 -9.36
N GLU A 252 9.05 9.05 -9.44
CA GLU A 252 8.84 7.90 -10.32
C GLU A 252 7.53 7.20 -9.90
N MET A 253 7.34 6.93 -8.60
CA MET A 253 6.11 6.21 -8.15
C MET A 253 4.84 7.06 -8.43
N ARG A 254 4.94 8.39 -8.38
CA ARG A 254 3.82 9.32 -8.66
C ARG A 254 3.46 9.33 -10.16
N LYS A 255 4.26 8.72 -11.04
CA LYS A 255 3.84 8.52 -12.44
C LYS A 255 2.69 7.52 -12.46
N PHE A 256 2.58 6.66 -11.41
CA PHE A 256 1.62 5.51 -11.47
C PHE A 256 0.36 5.71 -10.58
N ARG A 257 0.46 6.48 -9.52
CA ARG A 257 -0.71 6.89 -8.68
C ARG A 257 -0.49 8.28 -8.09
N MET A 258 -1.53 9.14 -8.16
CA MET A 258 -1.44 10.53 -7.66
C MET A 258 -1.28 10.56 -6.14
N GLY A 259 -0.61 11.58 -5.63
CA GLY A 259 -0.77 12.01 -4.22
C GLY A 259 0.03 11.20 -3.22
N LEU A 260 0.88 10.26 -3.65
CA LEU A 260 1.63 9.38 -2.73
C LEU A 260 2.48 10.23 -1.78
N ILE A 261 2.34 10.01 -0.47
CA ILE A 261 2.88 10.82 0.65
C ILE A 261 2.01 12.11 0.74
N GLN A 262 1.19 12.19 1.76
CA GLN A 262 0.08 13.22 1.87
C GLN A 262 0.51 14.48 2.64
N THR A 263 1.59 14.44 3.42
CA THR A 263 2.01 15.55 4.30
C THR A 263 3.55 15.63 4.34
N ALA A 264 4.08 16.78 4.74
CA ALA A 264 5.53 16.98 5.01
C ALA A 264 5.99 16.06 6.13
N ASP A 265 5.17 15.79 7.15
CA ASP A 265 5.49 14.86 8.25
C ASP A 265 5.67 13.43 7.71
N GLN A 266 4.80 12.96 6.81
CA GLN A 266 4.94 11.63 6.13
C GLN A 266 6.25 11.60 5.31
N LEU A 267 6.62 12.70 4.65
CA LEU A 267 7.89 12.73 3.86
C LEU A 267 9.07 12.56 4.83
N ARG A 268 9.11 13.34 5.92
CA ARG A 268 10.19 13.23 6.93
C ARG A 268 10.25 11.82 7.52
N PHE A 269 9.10 11.21 7.84
CA PHE A 269 9.05 9.85 8.39
C PHE A 269 9.64 8.82 7.40
N SER A 270 9.39 8.99 6.10
CA SER A 270 9.92 8.12 5.02
C SER A 270 11.44 8.21 5.03
N TYR A 271 12.02 9.42 5.03
CA TYR A 271 13.49 9.59 5.16
C TYR A 271 14.00 8.86 6.41
N LEU A 272 13.32 9.06 7.54
CA LEU A 272 13.76 8.47 8.84
C LEU A 272 13.81 6.95 8.70
N ALA A 273 12.75 6.35 8.17
CA ALA A 273 12.65 4.88 8.04
C ALA A 273 13.79 4.33 7.15
N VAL A 274 14.05 4.97 6.01
CA VAL A 274 15.09 4.48 5.06
C VAL A 274 16.47 4.63 5.74
N ILE A 275 16.72 5.74 6.43
CA ILE A 275 18.04 6.00 7.08
C ILE A 275 18.33 4.91 8.13
N GLU A 276 17.37 4.68 9.05
CA GLU A 276 17.54 3.68 10.15
C GLU A 276 17.58 2.28 9.55
N GLY A 277 16.81 2.05 8.48
CA GLY A 277 16.77 0.75 7.76
C GLY A 277 18.11 0.42 7.13
N ALA A 278 18.81 1.44 6.62
CA ALA A 278 20.11 1.30 5.90
C ALA A 278 21.20 0.79 6.85
N LYS A 279 21.05 1.02 8.16
CA LYS A 279 22.12 0.72 9.16
C LYS A 279 22.19 -0.79 9.45
N PHE A 280 21.35 -1.61 8.80
CA PHE A 280 21.35 -3.09 8.91
C PHE A 280 21.50 -3.75 7.53
N ILE A 281 20.91 -3.16 6.48
CA ILE A 281 21.06 -3.60 5.06
C ILE A 281 22.54 -3.49 4.68
N MET A 282 23.24 -2.51 5.25
CA MET A 282 24.72 -2.40 5.21
C MET A 282 25.30 -3.11 6.45
N GLY A 283 24.88 -4.37 6.68
CA GLY A 283 25.70 -5.46 7.26
C GLY A 283 25.49 -5.78 8.74
N ASP A 284 24.50 -5.15 9.37
CA ASP A 284 24.39 -5.16 10.86
C ASP A 284 23.27 -6.13 11.29
C TRS B . 1.57 1.35 -19.58
C1 TRS B . 1.60 2.57 -18.64
C2 TRS B . 2.89 1.16 -20.31
C3 TRS B . 0.47 1.49 -20.59
N TRS B . 1.19 0.10 -18.78
O1 TRS B . 1.52 2.15 -17.26
O2 TRS B . 3.99 1.04 -19.42
O3 TRS B . -0.81 1.90 -20.05
H11 TRS B . 0.86 3.17 -18.84
H12 TRS B . 2.44 3.06 -18.78
H21 TRS B . 3.05 1.92 -20.91
H22 TRS B . 2.84 0.35 -20.87
H31 TRS B . 0.36 0.64 -21.05
H32 TRS B . 0.75 2.16 -21.26
HN1 TRS B . 0.41 -0.27 -19.07
HN2 TRS B . 1.09 0.29 -17.90
HN3 TRS B . 1.84 -0.53 -18.85
HO1 TRS B . 1.50 2.76 -16.66
HO2 TRS B . 4.75 0.93 -19.70
HO3 TRS B . -0.93 1.52 -19.29
C10 A1AA7 C . 16.77 -4.26 10.05
C13 A1AA7 C . 14.65 -3.01 7.62
C15 A1AA7 C . 14.66 -3.90 5.34
C17 A1AA7 C . 12.59 -3.80 6.55
C01 A1AA7 C . 17.02 -9.00 9.96
C02 A1AA7 C . 16.55 -8.45 11.34
C03 A1AA7 C . 16.42 -9.61 12.37
C04 A1AA7 C . 15.27 -7.53 11.22
C07 A1AA7 C . 14.12 -5.40 10.30
C08 A1AA7 C . 14.37 -3.94 10.76
C09 A1AA7 C . 15.61 -3.23 10.17
C11 A1AA7 C . 16.41 -5.72 9.68
C12 A1AA7 C . 15.39 -2.40 8.84
C14 A1AA7 C . 15.32 -3.35 6.44
C16 A1AA7 C . 13.28 -4.14 5.39
C18 A1AA7 C . 13.27 -3.26 7.64
N06 A1AA7 C . 15.29 -6.30 10.44
O05 A1AA7 C . 14.25 -7.87 11.79
H102 A1AA7 C . 17.50 -3.92 9.32
H101 A1AA7 C . 17.37 -4.23 10.99
H151 A1AA7 C . 15.21 -4.16 4.42
H171 A1AA7 C . 11.51 -3.99 6.60
H013 A1AA7 C . 18.11 -8.93 9.79
H011 A1AA7 C . 16.59 -8.48 9.10
H012 A1AA7 C . 16.76 -10.05 9.78
H021 A1AA7 C . 17.38 -7.82 11.71
H033 A1AA7 C . 16.56 -10.62 11.94
H031 A1AA7 C . 15.44 -9.70 12.86
H032 A1AA7 C . 17.13 -9.56 13.21
H072 A1AA7 C . 13.21 -5.78 10.81
H071 A1AA7 C . 13.80 -5.32 9.24
H081 A1AA7 C . 14.44 -3.91 11.87
H082 A1AA7 C . 13.44 -3.35 10.59
H091 A1AA7 C . 15.93 -2.45 10.91
H111 A1AA7 C . 16.23 -5.70 8.58
H112 A1AA7 C . 17.31 -6.33 9.77
H122 A1AA7 C . 14.95 -1.43 9.14
H121 A1AA7 C . 16.39 -2.03 8.53
H141 A1AA7 C . 16.40 -3.18 6.36
H161 A1AA7 C . 12.73 -4.57 4.54
H181 A1AA7 C . 12.69 -3.02 8.52
#